data_2M91
#
_entry.id   2M91
#
_entity_poly.entity_id   1
_entity_poly.type   'polydeoxyribonucleotide'
_entity_poly.pdbx_seq_one_letter_code
;(DG)(DG)(DG)(DA)(DA)(DG)(DG)(DG)(DC)(DG)(DC)(DG)(DA)(DA)(DG)(DC)(DA)(DT)(DT)(DC)
(DG)(DC)(DG)(DA)(DG)(DG)(DT)(DA)(DG)(DG)
;
_entity_poly.pdbx_strand_id   A
#